data_3NXA
#
_entry.id   3NXA
#
_cell.length_a   156.571
_cell.length_b   156.571
_cell.length_c   38.138
_cell.angle_alpha   90.00
_cell.angle_beta   90.00
_cell.angle_gamma   120.00
#
_symmetry.space_group_name_H-M   'P 61'
#
loop_
_entity.id
_entity.type
_entity.pdbx_description
1 polymer 'Protein S100-A16'
2 water water
#
_entity_poly.entity_id   1
_entity_poly.type   'polypeptide(L)'
_entity_poly.pdbx_seq_one_letter_code
;DCYTELEKAVIVLVENFYKYVSKYSLVKNKISKSSFREMLQKELNHMLSDTGNRKAADKLIQNLDANHDGRISFDEYWTL
IGGITGPIAKLIHEQEQQSS
;
_entity_poly.pdbx_strand_id   A,B,C,D
#
# COMPACT_ATOMS: atom_id res chain seq x y z
N ASP A 1 -18.54 -2.74 6.12
CA ASP A 1 -18.13 -3.83 7.11
C ASP A 1 -16.64 -4.48 7.07
N CYS A 2 -15.57 -3.72 6.82
CA CYS A 2 -14.22 -4.30 7.21
C CYS A 2 -13.58 -3.54 8.38
N TYR A 3 -13.04 -2.36 8.12
CA TYR A 3 -12.23 -1.65 9.03
C TYR A 3 -12.69 -1.50 10.35
N THR A 4 -11.74 -1.48 11.26
CA THR A 4 -12.18 -1.33 12.67
C THR A 4 -12.38 0.11 13.14
N GLU A 5 -13.06 0.23 14.23
CA GLU A 5 -13.33 1.56 14.76
C GLU A 5 -12.01 2.31 15.06
N LEU A 6 -11.05 1.63 15.69
CA LEU A 6 -9.74 2.35 15.81
C LEU A 6 -9.19 2.66 14.49
N GLU A 7 -9.24 1.74 13.57
CA GLU A 7 -8.67 1.97 12.24
C GLU A 7 -9.40 3.15 11.46
N LYS A 8 -10.75 3.07 11.55
CA LYS A 8 -11.56 4.35 11.08
C LYS A 8 -11.13 5.63 11.73
N ALA A 9 -10.69 5.54 13.01
CA ALA A 9 -10.39 6.86 13.63
C ALA A 9 -9.04 7.34 13.20
N VAL A 10 -8.08 6.42 13.05
CA VAL A 10 -6.71 6.82 12.46
C VAL A 10 -6.90 7.37 11.16
N ILE A 11 -7.71 6.69 10.34
CA ILE A 11 -8.04 7.39 9.10
C ILE A 11 -8.58 8.79 9.15
N VAL A 12 -9.59 9.00 10.04
CA VAL A 12 -10.06 10.44 10.18
C VAL A 12 -8.79 11.31 10.66
N LEU A 13 -8.10 10.88 11.65
CA LEU A 13 -6.93 11.74 12.00
C LEU A 13 -6.01 12.13 10.84
N VAL A 14 -5.87 11.23 9.86
CA VAL A 14 -4.92 11.29 8.79
C VAL A 14 -5.64 12.14 7.69
N GLU A 15 -6.93 11.80 7.43
CA GLU A 15 -7.65 12.76 6.45
C GLU A 15 -7.77 14.29 6.93
N ASN A 16 -7.77 14.51 8.17
CA ASN A 16 -7.94 15.72 8.78
C ASN A 16 -6.71 16.51 8.78
N PHE A 17 -5.54 15.92 8.78
CA PHE A 17 -4.40 16.61 8.57
C PHE A 17 -4.37 17.02 7.11
N TYR A 18 -4.60 16.10 6.24
CA TYR A 18 -4.32 16.48 4.77
C TYR A 18 -5.43 17.51 4.37
N LYS A 19 -6.64 17.43 5.03
CA LYS A 19 -7.53 18.61 4.63
C LYS A 19 -6.92 20.02 4.83
N TYR A 20 -6.00 20.12 5.73
CA TYR A 20 -5.33 21.48 6.00
C TYR A 20 -4.10 21.86 5.23
N VAL A 21 -3.71 21.01 4.33
CA VAL A 21 -2.61 21.37 3.40
C VAL A 21 -3.34 22.11 2.16
N SER A 22 -2.84 23.34 1.86
CA SER A 22 -3.62 24.15 0.69
C SER A 22 -3.35 23.59 -0.67
N LYS A 23 -4.39 23.59 -1.51
CA LYS A 23 -4.29 23.02 -2.87
C LYS A 23 -3.09 23.72 -3.62
N TYR A 24 -2.30 22.97 -4.26
CA TYR A 24 -1.24 23.61 -5.11
C TYR A 24 -0.18 24.06 -4.15
N SER A 25 -0.18 23.46 -2.93
CA SER A 25 0.98 23.71 -2.09
C SER A 25 2.17 22.97 -2.65
N LEU A 26 3.32 23.63 -2.84
CA LEU A 26 4.58 22.81 -3.37
C LEU A 26 4.98 21.84 -2.22
N VAL A 27 4.48 22.08 -0.99
CA VAL A 27 4.83 21.03 0.16
C VAL A 27 3.54 20.38 0.47
N LYS A 28 3.37 19.24 -0.10
CA LYS A 28 1.94 18.91 0.10
C LYS A 28 1.81 17.85 1.26
N ASN A 29 2.88 17.46 2.00
CA ASN A 29 2.91 16.63 3.26
C ASN A 29 2.96 17.58 4.52
N LYS A 30 2.73 18.90 4.47
CA LYS A 30 2.96 19.72 5.56
C LYS A 30 1.80 20.76 5.59
N ILE A 31 1.42 21.23 6.80
CA ILE A 31 0.40 22.28 6.96
C ILE A 31 1.08 23.50 7.62
N SER A 32 0.47 24.62 7.33
CA SER A 32 1.01 25.87 7.90
C SER A 32 0.60 26.01 9.44
N LYS A 33 1.41 26.82 10.19
CA LYS A 33 0.95 27.22 11.50
C LYS A 33 -0.43 27.76 11.53
N SER A 34 -0.74 28.70 10.64
CA SER A 34 -1.94 29.42 10.73
C SER A 34 -3.12 28.39 10.26
N SER A 35 -2.80 27.48 9.32
CA SER A 35 -3.81 26.51 8.96
C SER A 35 -4.04 25.55 10.21
N PHE A 36 -2.99 25.17 10.85
CA PHE A 36 -3.24 24.40 12.15
C PHE A 36 -4.24 25.08 13.17
N ARG A 37 -3.93 26.39 13.46
CA ARG A 37 -4.71 27.20 14.49
C ARG A 37 -6.10 27.21 13.98
N GLU A 38 -6.30 27.32 12.69
CA GLU A 38 -7.56 27.32 12.09
C GLU A 38 -8.25 25.93 12.35
N MET A 39 -7.44 24.83 12.24
CA MET A 39 -8.08 23.46 12.50
C MET A 39 -8.51 23.27 13.94
N LEU A 40 -7.71 23.79 14.81
CA LEU A 40 -7.92 23.59 16.26
C LEU A 40 -9.22 24.20 16.67
N GLN A 41 -9.31 25.45 16.20
CA GLN A 41 -10.44 26.40 16.40
C GLN A 41 -11.74 25.69 15.80
N LYS A 42 -11.62 25.20 14.63
CA LYS A 42 -12.80 24.60 13.89
C LYS A 42 -13.11 23.11 14.23
N GLU A 43 -12.05 22.27 14.32
CA GLU A 43 -12.21 20.74 14.42
C GLU A 43 -12.29 20.25 15.90
N LEU A 44 -11.72 21.06 16.87
CA LEU A 44 -11.61 20.71 18.29
C LEU A 44 -12.29 21.75 19.17
N ASN A 45 -13.28 22.51 18.63
CA ASN A 45 -13.61 23.60 19.56
C ASN A 45 -14.62 23.16 20.69
N HIS A 46 -15.27 21.93 20.60
CA HIS A 46 -15.77 21.35 21.82
C HIS A 46 -14.67 21.05 22.83
N MET A 47 -13.72 20.19 22.49
CA MET A 47 -12.70 19.78 23.38
C MET A 47 -11.85 20.93 23.70
N LEU A 48 -11.91 21.97 22.95
CA LEU A 48 -11.11 23.13 23.48
C LEU A 48 -11.94 24.40 24.09
N SER A 49 -13.12 24.14 24.58
CA SER A 49 -13.74 25.17 25.33
C SER A 49 -13.11 25.73 26.55
N ASP A 50 -12.57 24.83 27.33
CA ASP A 50 -12.05 25.42 28.54
C ASP A 50 -11.12 26.56 28.00
N THR A 51 -10.42 27.25 28.79
CA THR A 51 -9.63 28.42 28.38
C THR A 51 -8.26 28.27 28.92
N GLY A 52 -8.25 27.35 29.91
CA GLY A 52 -6.94 26.70 30.19
C GLY A 52 -6.67 25.81 28.99
N ASN A 53 -7.67 25.16 28.49
CA ASN A 53 -7.42 24.18 27.42
C ASN A 53 -6.86 24.89 26.26
N ARG A 54 -7.52 25.95 25.91
CA ARG A 54 -7.31 26.66 24.65
C ARG A 54 -5.98 27.24 24.72
N LYS A 55 -5.66 27.71 25.89
CA LYS A 55 -4.39 28.40 26.04
C LYS A 55 -3.23 27.46 25.94
N ALA A 56 -3.31 26.30 26.62
CA ALA A 56 -2.21 25.33 26.68
C ALA A 56 -1.96 24.81 25.17
N ALA A 57 -3.01 24.64 24.37
CA ALA A 57 -2.84 24.40 22.96
C ALA A 57 -1.80 25.43 22.28
N ASP A 58 -2.16 26.73 22.18
CA ASP A 58 -1.32 27.71 21.52
C ASP A 58 0.09 27.80 22.11
N LYS A 59 0.32 27.43 23.35
CA LYS A 59 1.78 27.43 23.69
C LYS A 59 2.46 26.30 23.01
N LEU A 60 1.73 25.25 22.58
CA LEU A 60 2.42 24.10 22.05
C LEU A 60 2.76 24.54 20.54
N ILE A 61 1.80 25.18 19.94
CA ILE A 61 1.99 25.77 18.62
C ILE A 61 3.22 26.81 18.59
N GLN A 62 3.11 27.82 19.47
CA GLN A 62 4.11 28.79 19.71
C GLN A 62 5.40 28.08 20.28
N ASN A 63 5.37 27.06 21.14
CA ASN A 63 6.67 26.47 21.66
C ASN A 63 7.45 25.67 20.56
N LEU A 64 6.75 25.41 19.45
CA LEU A 64 7.20 24.48 18.48
C LEU A 64 8.69 24.74 17.99
N ASP A 65 9.35 23.74 17.38
CA ASP A 65 10.79 23.82 16.76
C ASP A 65 10.92 24.62 15.46
N ALA A 66 11.87 25.58 15.51
CA ALA A 66 11.96 26.52 14.40
C ALA A 66 12.61 25.64 13.24
N ASN A 67 12.24 25.81 11.97
CA ASN A 67 12.84 24.87 10.92
C ASN A 67 13.16 25.63 9.57
N HIS A 68 14.21 25.21 8.81
CA HIS A 68 14.40 25.47 7.25
C HIS A 68 13.16 26.11 6.41
N ASP A 69 11.91 26.03 6.94
CA ASP A 69 10.69 26.09 6.08
C ASP A 69 9.49 26.53 6.96
N GLY A 70 9.55 26.18 8.30
CA GLY A 70 8.53 26.64 9.27
C GLY A 70 7.13 26.01 9.12
N ARG A 71 6.98 25.04 8.25
CA ARG A 71 5.71 24.32 8.25
C ARG A 71 5.67 23.06 9.27
N ILE A 72 4.50 22.33 9.30
CA ILE A 72 4.27 21.29 10.31
C ILE A 72 4.16 19.89 9.65
N SER A 73 5.05 18.98 9.99
CA SER A 73 4.98 17.58 9.40
C SER A 73 3.83 16.81 9.94
N PHE A 74 3.64 15.69 9.44
CA PHE A 74 2.56 14.95 9.99
C PHE A 74 2.96 14.50 11.40
N ASP A 75 4.26 14.21 11.64
CA ASP A 75 4.61 13.59 12.93
C ASP A 75 4.47 14.58 14.01
N GLU A 76 4.77 15.88 13.70
CA GLU A 76 4.52 16.84 14.65
C GLU A 76 2.98 17.14 15.00
N TYR A 77 2.21 17.05 13.96
CA TYR A 77 0.77 17.49 14.08
C TYR A 77 0.26 16.30 15.08
N TRP A 78 0.72 15.13 14.91
CA TRP A 78 0.23 14.00 15.66
C TRP A 78 0.65 14.30 17.17
N THR A 79 1.94 14.51 17.38
CA THR A 79 2.53 14.86 18.66
C THR A 79 1.77 16.05 19.18
N LEU A 80 1.29 17.02 18.36
CA LEU A 80 0.56 18.10 18.99
C LEU A 80 -0.81 17.72 19.36
N ILE A 81 -1.61 17.19 18.39
CA ILE A 81 -2.84 16.59 18.86
C ILE A 81 -2.64 15.78 20.21
N GLY A 82 -1.51 14.97 20.30
CA GLY A 82 -1.35 14.34 21.55
C GLY A 82 -0.96 15.25 22.79
N GLY A 83 -0.30 16.41 22.65
CA GLY A 83 -0.26 17.15 23.90
C GLY A 83 -1.65 17.75 24.38
N ILE A 84 -2.57 17.93 23.43
CA ILE A 84 -3.85 18.41 23.74
C ILE A 84 -4.45 17.32 24.36
N THR A 85 -4.49 16.13 23.73
CA THR A 85 -5.40 15.18 24.12
C THR A 85 -4.90 14.42 25.34
N GLY A 86 -3.60 14.22 25.45
CA GLY A 86 -3.21 13.64 26.68
C GLY A 86 -3.53 14.21 28.15
N PRO A 87 -3.34 15.51 28.46
CA PRO A 87 -3.65 15.86 29.93
C PRO A 87 -5.29 15.65 30.17
N ILE A 88 -6.09 15.29 29.18
CA ILE A 88 -7.40 15.26 29.34
C ILE A 88 -8.07 13.89 29.13
N ALA A 89 -7.27 12.90 28.82
CA ALA A 89 -7.71 11.78 28.51
C ALA A 89 -8.51 11.05 29.50
N LYS A 90 -8.00 11.07 30.70
CA LYS A 90 -8.78 10.53 31.83
C LYS A 90 -10.20 11.26 31.96
N LEU A 91 -10.24 12.53 31.62
CA LEU A 91 -11.53 13.26 31.67
C LEU A 91 -12.37 12.88 30.44
N ILE A 92 -11.63 12.55 29.26
CA ILE A 92 -12.40 12.31 28.11
C ILE A 92 -13.12 10.85 28.60
N HIS A 93 -12.40 9.94 29.26
CA HIS A 93 -12.90 8.60 29.33
C HIS A 93 -14.06 8.64 30.45
N GLU A 94 -13.75 9.25 31.56
CA GLU A 94 -14.82 9.66 32.48
C GLU A 94 -16.18 10.15 31.81
N GLN A 95 -16.07 11.04 30.80
CA GLN A 95 -17.24 11.56 30.32
C GLN A 95 -18.04 10.54 29.49
N GLU A 96 -17.29 9.63 28.76
CA GLU A 96 -17.83 8.54 28.06
C GLU A 96 -18.62 7.50 28.85
N GLN A 97 -18.06 7.03 29.97
CA GLN A 97 -18.78 6.44 31.13
C GLN A 97 -20.05 7.10 31.63
N GLN A 98 -20.09 8.38 31.90
CA GLN A 98 -21.40 9.17 32.18
C GLN A 98 -22.71 8.73 31.53
N SER A 99 -22.79 8.86 30.19
CA SER A 99 -23.93 8.27 29.41
C SER A 99 -23.62 6.71 28.97
N SER A 100 -23.85 6.38 27.68
CA SER A 100 -23.61 4.93 27.07
C SER A 100 -22.14 4.43 26.84
N CYS B 2 -23.69 17.54 17.64
CA CYS B 2 -22.59 16.76 18.27
C CYS B 2 -21.16 17.27 18.05
N TYR B 3 -20.19 16.45 18.38
CA TYR B 3 -18.70 16.75 18.15
C TYR B 3 -18.32 16.52 16.71
N THR B 4 -17.26 17.21 16.27
CA THR B 4 -16.73 17.02 14.90
C THR B 4 -16.24 15.71 14.80
N GLU B 5 -16.08 15.26 13.56
CA GLU B 5 -15.56 13.88 13.31
C GLU B 5 -14.15 13.68 13.83
N LEU B 6 -13.27 14.74 13.96
CA LEU B 6 -11.93 14.72 14.52
C LEU B 6 -12.06 14.52 16.05
N GLU B 7 -13.01 15.24 16.75
CA GLU B 7 -13.27 14.90 18.11
C GLU B 7 -13.70 13.54 18.31
N LYS B 8 -14.59 13.01 17.49
CA LYS B 8 -15.13 11.70 17.94
C LYS B 8 -13.98 10.61 17.71
N ALA B 9 -13.04 10.93 16.77
CA ALA B 9 -11.88 9.98 16.61
C ALA B 9 -10.87 10.17 17.75
N VAL B 10 -10.64 11.36 18.33
CA VAL B 10 -9.78 11.43 19.48
C VAL B 10 -10.39 10.60 20.49
N ILE B 11 -11.65 10.80 20.80
CA ILE B 11 -12.36 9.95 21.77
C ILE B 11 -12.13 8.58 21.39
N VAL B 12 -12.20 8.22 20.19
CA VAL B 12 -12.14 6.58 19.95
C VAL B 12 -10.68 6.13 20.27
N LEU B 13 -9.70 7.10 20.24
CA LEU B 13 -8.25 6.63 20.61
C LEU B 13 -8.17 6.46 22.12
N VAL B 14 -8.96 7.25 22.84
CA VAL B 14 -9.06 7.16 24.35
C VAL B 14 -9.93 5.94 24.70
N GLU B 15 -11.07 5.72 24.08
CA GLU B 15 -11.79 4.50 24.64
C GLU B 15 -11.10 3.30 24.36
N ASN B 16 -10.48 3.23 23.18
CA ASN B 16 -9.64 2.06 22.82
C ASN B 16 -8.42 1.79 23.82
N PHE B 17 -7.73 2.82 24.29
CA PHE B 17 -6.60 2.52 25.18
C PHE B 17 -7.20 2.01 26.51
N TYR B 18 -8.18 2.64 27.02
CA TYR B 18 -8.76 2.17 28.37
C TYR B 18 -9.51 0.88 28.09
N LYS B 19 -10.02 0.63 26.83
CA LYS B 19 -10.55 -0.79 26.78
C LYS B 19 -9.42 -1.87 27.09
N TYR B 20 -8.13 -1.52 26.89
CA TYR B 20 -7.11 -2.55 27.06
C TYR B 20 -6.48 -2.34 28.49
N VAL B 21 -7.18 -1.59 29.37
CA VAL B 21 -6.72 -1.66 30.83
C VAL B 21 -7.54 -2.87 31.31
N SER B 22 -6.93 -3.86 31.97
CA SER B 22 -7.73 -5.06 32.38
C SER B 22 -8.60 -4.68 33.49
N LYS B 23 -9.65 -5.44 33.64
CA LYS B 23 -10.69 -5.08 34.62
C LYS B 23 -10.02 -5.38 36.08
N TYR B 24 -10.08 -4.44 36.93
CA TYR B 24 -9.59 -4.69 38.26
C TYR B 24 -8.11 -4.47 38.36
N SER B 25 -7.52 -3.99 37.27
CA SER B 25 -6.09 -3.65 37.46
C SER B 25 -5.83 -2.67 38.49
N LEU B 26 -4.82 -2.85 39.34
CA LEU B 26 -4.60 -1.70 40.27
C LEU B 26 -3.89 -0.42 39.76
N VAL B 27 -3.57 -0.49 38.53
CA VAL B 27 -2.86 0.68 37.91
C VAL B 27 -3.94 1.09 36.83
N LYS B 28 -4.66 2.45 36.89
CA LYS B 28 -4.90 2.80 35.50
C LYS B 28 -4.71 4.30 35.27
N ASN B 29 -4.07 4.18 33.94
CA ASN B 29 -3.46 5.23 33.16
C ASN B 29 -2.43 4.44 32.28
N LYS B 30 -2.59 3.08 32.43
CA LYS B 30 -1.71 2.10 31.97
C LYS B 30 -2.06 0.80 31.33
N ILE B 31 -1.43 0.37 30.19
CA ILE B 31 -1.74 -1.03 29.74
C ILE B 31 -0.26 -1.62 29.68
N SER B 32 -0.26 -2.91 29.90
CA SER B 32 0.91 -3.79 29.66
C SER B 32 1.17 -3.93 28.29
N LYS B 33 2.37 -4.38 28.00
CA LYS B 33 2.85 -4.41 26.63
C LYS B 33 2.18 -5.60 25.87
N SER B 34 1.92 -6.64 26.59
CA SER B 34 1.28 -7.79 25.96
C SER B 34 -0.19 -7.26 25.49
N SER B 35 -0.86 -6.39 26.26
CA SER B 35 -2.32 -6.07 25.90
C SER B 35 -2.26 -5.10 24.80
N PHE B 36 -1.23 -4.21 24.77
CA PHE B 36 -1.00 -3.40 23.63
C PHE B 36 -0.74 -4.31 22.29
N ARG B 37 0.00 -5.40 22.37
CA ARG B 37 0.17 -6.22 21.24
C ARG B 37 -1.26 -6.88 21.04
N GLU B 38 -2.01 -7.29 22.07
CA GLU B 38 -3.27 -7.84 21.72
C GLU B 38 -4.10 -6.73 20.96
N MET B 39 -3.95 -5.47 21.29
CA MET B 39 -4.62 -4.40 20.61
C MET B 39 -4.17 -4.27 19.24
N LEU B 40 -2.91 -4.48 18.96
CA LEU B 40 -2.39 -4.21 17.67
C LEU B 40 -3.00 -5.37 16.87
N GLN B 41 -3.07 -6.53 17.45
CA GLN B 41 -3.41 -7.71 16.63
C GLN B 41 -4.94 -7.64 16.38
N LYS B 42 -5.74 -7.24 17.32
CA LYS B 42 -7.19 -7.20 17.11
C LYS B 42 -7.78 -5.95 16.60
N GLU B 43 -7.29 -4.86 16.95
CA GLU B 43 -7.91 -3.53 16.59
C GLU B 43 -7.31 -2.96 15.28
N LEU B 44 -6.13 -3.46 14.83
CA LEU B 44 -5.34 -2.75 13.80
C LEU B 44 -4.93 -3.77 12.74
N ASN B 45 -5.71 -4.90 12.64
CA ASN B 45 -5.24 -5.93 11.89
C ASN B 45 -5.40 -5.64 10.43
N HIS B 46 -6.13 -4.57 9.92
CA HIS B 46 -6.05 -4.38 8.45
C HIS B 46 -4.87 -3.51 8.21
N MET B 47 -4.55 -2.54 9.13
CA MET B 47 -3.43 -1.58 8.91
C MET B 47 -2.02 -2.29 9.24
N LEU B 48 -1.95 -3.29 10.11
CA LEU B 48 -0.76 -4.02 10.39
C LEU B 48 -0.73 -5.40 9.75
N SER B 49 -1.30 -5.56 8.56
CA SER B 49 -1.20 -6.83 7.76
C SER B 49 0.23 -7.20 7.35
N ASP B 50 0.94 -6.24 7.05
CA ASP B 50 2.16 -6.59 6.57
C ASP B 50 3.13 -6.84 7.73
N THR B 51 3.67 -8.08 7.69
CA THR B 51 4.84 -8.44 8.46
C THR B 51 5.99 -7.28 8.56
N GLY B 52 6.30 -6.52 7.52
CA GLY B 52 7.30 -5.38 7.43
C GLY B 52 6.71 -4.37 8.54
N ASN B 53 5.52 -3.85 8.34
CA ASN B 53 4.99 -2.89 9.44
C ASN B 53 5.08 -3.49 10.85
N ARG B 54 4.75 -4.77 10.99
CA ARG B 54 4.63 -5.25 12.24
C ARG B 54 6.00 -5.22 12.97
N LYS B 55 6.98 -5.68 12.29
CA LYS B 55 8.41 -5.69 12.82
C LYS B 55 8.80 -4.30 13.02
N ALA B 56 8.24 -3.31 12.35
CA ALA B 56 8.55 -1.79 12.77
C ALA B 56 7.81 -1.38 14.04
N ALA B 57 6.64 -1.94 14.23
CA ALA B 57 5.86 -1.54 15.30
C ALA B 57 6.56 -2.30 16.59
N ASP B 58 6.89 -3.58 16.42
CA ASP B 58 7.53 -4.41 17.42
C ASP B 58 8.74 -3.64 17.97
N LYS B 59 9.48 -3.13 17.06
CA LYS B 59 10.61 -2.52 17.62
C LYS B 59 10.36 -1.15 18.32
N LEU B 60 9.38 -0.30 17.86
CA LEU B 60 8.94 0.69 18.77
C LEU B 60 8.67 0.32 20.12
N ILE B 61 8.03 -0.81 20.38
CA ILE B 61 7.64 -1.18 21.68
C ILE B 61 8.99 -1.55 22.49
N GLN B 62 9.89 -2.28 21.96
CA GLN B 62 11.34 -2.51 22.52
C GLN B 62 12.12 -1.18 22.77
N ASN B 63 12.00 -0.12 22.03
CA ASN B 63 12.58 1.10 22.48
C ASN B 63 11.83 2.05 23.37
N LEU B 64 10.68 1.73 23.98
CA LEU B 64 10.11 2.53 25.00
C LEU B 64 11.09 2.60 26.19
N ASP B 65 11.08 3.69 27.01
CA ASP B 65 11.92 3.75 28.30
C ASP B 65 11.50 2.78 29.38
N ALA B 66 12.55 2.08 29.82
CA ALA B 66 12.65 1.31 31.09
C ALA B 66 11.71 1.95 32.08
N ASN B 67 10.84 1.01 32.57
CA ASN B 67 9.74 1.40 33.30
C ASN B 67 9.89 1.09 34.76
N HIS B 68 9.48 2.06 35.60
CA HIS B 68 9.28 1.81 36.97
C HIS B 68 8.15 0.69 37.11
N ASP B 69 7.37 0.46 36.03
CA ASP B 69 6.11 -0.39 35.92
C ASP B 69 6.35 -1.60 34.89
N GLY B 70 7.23 -1.42 33.88
CA GLY B 70 6.99 -2.30 32.67
C GLY B 70 5.52 -1.96 31.77
N ARG B 71 4.66 -1.07 32.16
CA ARG B 71 3.45 -0.74 31.50
C ARG B 71 3.42 0.58 30.60
N ILE B 72 2.33 0.80 29.79
CA ILE B 72 2.32 1.83 28.85
C ILE B 72 1.52 2.92 29.25
N SER B 73 2.03 4.23 29.45
CA SER B 73 1.04 5.46 29.85
C SER B 73 0.15 5.71 28.54
N PHE B 74 -0.89 6.54 28.73
CA PHE B 74 -1.58 7.07 27.67
C PHE B 74 -0.59 7.78 26.73
N ASP B 75 0.24 8.80 27.29
CA ASP B 75 1.34 9.40 26.48
C ASP B 75 2.18 8.43 25.65
N GLU B 76 2.70 7.32 26.16
CA GLU B 76 3.44 6.40 25.36
C GLU B 76 2.56 5.77 24.29
N TYR B 77 1.40 5.35 24.60
CA TYR B 77 0.53 4.74 23.58
C TYR B 77 0.09 5.63 22.41
N TRP B 78 -0.18 6.89 22.70
CA TRP B 78 -0.45 7.82 21.68
C TRP B 78 0.73 7.91 20.75
N THR B 79 1.89 7.92 21.31
CA THR B 79 3.26 8.13 20.49
C THR B 79 3.65 6.80 19.76
N LEU B 80 3.30 5.62 20.25
CA LEU B 80 3.33 4.32 19.51
C LEU B 80 2.17 4.27 18.39
N ILE B 81 0.85 4.71 18.70
CA ILE B 81 0.00 4.72 17.56
C ILE B 81 0.52 5.72 16.39
N GLY B 82 1.07 6.85 16.78
CA GLY B 82 1.67 7.58 15.81
C GLY B 82 2.85 7.16 15.19
N GLY B 83 3.70 6.41 15.95
CA GLY B 83 4.89 5.74 15.28
C GLY B 83 4.45 4.73 14.25
N ILE B 84 3.31 4.02 14.40
CA ILE B 84 2.71 3.13 13.38
C ILE B 84 2.07 3.83 12.23
N THR B 85 1.47 4.97 12.40
CA THR B 85 0.68 5.79 11.50
C THR B 85 1.53 6.77 10.73
N GLY B 86 2.54 7.32 11.34
CA GLY B 86 3.40 8.30 10.57
C GLY B 86 3.89 7.81 9.20
N PRO B 87 4.63 6.68 9.11
CA PRO B 87 5.28 6.22 7.89
C PRO B 87 4.21 5.80 6.87
N ILE B 88 3.05 5.25 7.34
CA ILE B 88 2.03 4.89 6.30
C ILE B 88 1.04 5.90 6.07
N ALA B 89 1.26 7.22 6.58
CA ALA B 89 0.21 8.15 6.53
C ALA B 89 -0.27 8.52 5.05
N LYS B 90 0.76 8.75 4.34
CA LYS B 90 0.63 9.02 2.87
C LYS B 90 -0.18 7.93 2.17
N LEU B 91 0.23 6.72 2.41
CA LEU B 91 -0.47 5.55 1.90
C LEU B 91 -1.93 5.52 2.29
N ILE B 92 -2.25 5.90 3.56
CA ILE B 92 -3.68 5.95 4.05
C ILE B 92 -4.47 7.00 3.25
N HIS B 93 -3.89 8.19 3.21
CA HIS B 93 -4.34 9.33 2.36
C HIS B 93 -4.62 8.93 0.78
N GLU B 94 -3.62 8.35 0.14
CA GLU B 94 -3.74 8.01 -1.26
C GLU B 94 -4.72 6.86 -1.30
N GLN B 95 -4.67 5.93 -0.34
CA GLN B 95 -5.92 4.82 -0.29
C GLN B 95 -7.28 5.31 -0.27
N GLU B 96 -7.66 6.20 0.62
CA GLU B 96 -8.95 6.92 0.76
C GLU B 96 -9.28 7.75 -0.49
N GLN B 97 -8.32 8.44 -1.10
CA GLN B 97 -8.46 8.90 -2.45
C GLN B 97 -8.94 7.90 -3.65
N GLN B 98 -8.27 6.77 -3.86
CA GLN B 98 -8.61 5.82 -4.96
C GLN B 98 -10.06 5.45 -4.80
N TYR C 3 -11.95 -19.85 -16.04
CA TYR C 3 -12.07 -19.12 -14.66
C TYR C 3 -10.65 -19.48 -14.33
N THR C 4 -9.67 -18.67 -13.92
CA THR C 4 -9.45 -17.40 -13.24
C THR C 4 -9.06 -16.23 -14.30
N GLU C 5 -8.95 -14.98 -13.85
CA GLU C 5 -8.70 -13.93 -14.82
C GLU C 5 -7.17 -14.00 -15.15
N LEU C 6 -6.37 -14.32 -14.16
CA LEU C 6 -5.00 -14.58 -14.30
C LEU C 6 -4.77 -15.89 -15.12
N GLU C 7 -5.74 -16.80 -15.15
CA GLU C 7 -5.53 -17.96 -16.00
C GLU C 7 -5.87 -17.66 -17.34
N LYS C 8 -6.93 -16.93 -17.56
CA LYS C 8 -7.16 -16.61 -18.93
C LYS C 8 -6.12 -15.62 -19.62
N ALA C 9 -5.44 -14.83 -18.82
CA ALA C 9 -4.46 -13.94 -19.40
C ALA C 9 -3.23 -14.87 -19.84
N VAL C 10 -2.72 -15.81 -19.08
CA VAL C 10 -1.75 -16.82 -19.48
C VAL C 10 -2.28 -17.61 -20.77
N ILE C 11 -3.57 -17.87 -20.84
CA ILE C 11 -4.06 -18.57 -22.02
C ILE C 11 -3.81 -17.64 -23.11
N VAL C 12 -4.25 -16.41 -22.94
CA VAL C 12 -4.11 -15.53 -24.02
C VAL C 12 -2.61 -15.41 -24.55
N LEU C 13 -1.73 -15.11 -23.62
CA LEU C 13 -0.30 -15.13 -23.97
C LEU C 13 0.29 -16.45 -24.70
N VAL C 14 0.01 -17.64 -24.22
CA VAL C 14 0.09 -18.80 -25.07
C VAL C 14 -0.53 -18.83 -26.49
N GLU C 15 -1.82 -18.66 -26.65
CA GLU C 15 -2.29 -18.58 -28.01
C GLU C 15 -1.79 -17.45 -28.81
N ASN C 16 -1.43 -16.41 -28.16
CA ASN C 16 -0.92 -15.35 -29.08
C ASN C 16 0.46 -15.68 -29.67
N PHE C 17 1.38 -16.40 -28.92
CA PHE C 17 2.59 -16.96 -29.41
C PHE C 17 2.25 -17.99 -30.54
N TYR C 18 1.28 -18.87 -30.29
CA TYR C 18 0.86 -19.71 -31.45
C TYR C 18 0.26 -19.09 -32.67
N LYS C 19 -0.24 -17.90 -32.53
CA LYS C 19 -0.92 -17.28 -33.67
C LYS C 19 0.09 -16.75 -34.57
N TYR C 20 1.31 -16.68 -34.03
CA TYR C 20 2.30 -16.12 -34.97
C TYR C 20 3.37 -17.15 -35.37
N VAL C 21 3.14 -18.40 -35.09
CA VAL C 21 3.85 -19.52 -35.86
C VAL C 21 3.49 -19.30 -37.39
N SER C 22 4.43 -19.11 -38.23
CA SER C 22 4.07 -18.90 -39.73
C SER C 22 3.15 -20.01 -40.50
N LYS C 23 2.51 -19.72 -41.56
CA LYS C 23 1.72 -20.84 -42.26
C LYS C 23 2.71 -21.90 -42.77
N TYR C 24 2.49 -23.21 -42.62
CA TYR C 24 3.44 -24.20 -43.21
C TYR C 24 4.71 -24.32 -42.53
N SER C 25 4.76 -23.80 -41.29
CA SER C 25 6.08 -23.82 -40.58
C SER C 25 6.73 -25.08 -40.58
N LEU C 26 8.02 -25.08 -40.77
CA LEU C 26 8.85 -26.26 -40.52
C LEU C 26 9.16 -26.54 -39.16
N VAL C 27 8.72 -25.67 -38.26
CA VAL C 27 9.24 -25.81 -36.81
C VAL C 27 8.12 -25.26 -35.93
N LYS C 28 7.08 -26.03 -35.76
CA LYS C 28 5.70 -25.58 -35.37
C LYS C 28 5.59 -24.97 -33.81
N ASN C 29 6.66 -25.01 -33.00
CA ASN C 29 6.78 -24.29 -31.74
C ASN C 29 7.84 -23.20 -31.69
N LYS C 30 8.14 -22.57 -32.79
CA LYS C 30 8.93 -21.38 -32.86
C LYS C 30 8.35 -20.36 -33.79
N ILE C 31 8.48 -19.14 -33.39
CA ILE C 31 8.16 -18.15 -34.37
C ILE C 31 9.49 -17.45 -34.92
N SER C 32 9.33 -16.75 -36.10
CA SER C 32 10.43 -15.98 -36.63
C SER C 32 10.60 -14.58 -36.09
N LYS C 33 11.84 -14.02 -36.28
CA LYS C 33 12.01 -12.52 -35.84
C LYS C 33 10.99 -11.64 -36.61
N SER C 34 10.64 -11.90 -37.83
CA SER C 34 9.72 -11.10 -38.59
C SER C 34 8.34 -11.37 -38.18
N SER C 35 7.94 -12.57 -37.67
CA SER C 35 6.58 -12.65 -37.21
C SER C 35 6.54 -11.98 -35.81
N PHE C 36 7.57 -12.08 -35.00
CA PHE C 36 7.67 -11.33 -33.68
C PHE C 36 7.47 -9.77 -33.86
N ARG C 37 8.11 -9.17 -34.82
CA ARG C 37 7.90 -7.68 -35.09
C ARG C 37 6.56 -7.42 -35.59
N GLU C 38 5.97 -8.30 -36.36
CA GLU C 38 4.57 -8.13 -36.78
C GLU C 38 3.77 -8.15 -35.53
N MET C 39 3.73 -9.27 -34.74
CA MET C 39 3.02 -9.29 -33.50
C MET C 39 3.10 -7.98 -32.60
N LEU C 40 4.27 -7.31 -32.49
CA LEU C 40 4.50 -6.27 -31.52
C LEU C 40 3.67 -5.12 -32.16
N GLN C 41 3.83 -4.96 -33.46
CA GLN C 41 3.13 -3.96 -34.21
C GLN C 41 1.63 -4.01 -34.22
N LYS C 42 1.13 -5.23 -34.37
CA LYS C 42 -0.34 -5.40 -34.38
C LYS C 42 -0.93 -5.53 -33.01
N GLU C 43 -0.22 -6.22 -31.98
CA GLU C 43 -0.84 -6.59 -30.87
C GLU C 43 -0.43 -5.74 -29.57
N LEU C 44 0.57 -4.96 -29.78
CA LEU C 44 0.96 -4.06 -28.59
C LEU C 44 1.08 -2.59 -29.01
N ASN C 45 0.23 -2.16 -30.00
CA ASN C 45 0.51 -0.84 -30.58
C ASN C 45 0.05 0.27 -29.60
N HIS C 46 -0.93 -0.01 -28.77
CA HIS C 46 -1.24 0.94 -27.67
C HIS C 46 -0.11 0.72 -26.62
N MET C 47 0.15 -0.49 -26.17
CA MET C 47 1.19 -0.54 -25.14
C MET C 47 2.57 0.12 -25.58
N LEU C 48 2.89 0.19 -26.82
CA LEU C 48 4.21 0.70 -27.39
C LEU C 48 4.02 2.02 -28.28
N SER C 49 2.97 2.80 -28.01
CA SER C 49 2.77 3.87 -28.89
C SER C 49 3.69 5.06 -28.30
N ASP C 50 4.32 4.87 -27.15
CA ASP C 50 5.37 5.86 -26.88
C ASP C 50 6.39 5.44 -27.79
N THR C 51 7.17 6.38 -28.31
CA THR C 51 8.27 6.18 -29.13
C THR C 51 9.59 5.59 -28.63
N GLY C 52 10.11 6.16 -27.54
CA GLY C 52 11.24 5.56 -26.75
C GLY C 52 10.96 4.04 -26.31
N ASN C 53 9.69 3.76 -25.89
CA ASN C 53 9.37 2.33 -25.57
C ASN C 53 9.41 1.40 -26.77
N ARG C 54 8.78 1.85 -27.88
CA ARG C 54 8.64 1.10 -29.08
C ARG C 54 10.07 0.97 -29.67
N LYS C 55 10.95 1.95 -29.58
CA LYS C 55 12.40 1.69 -29.82
C LYS C 55 13.05 0.63 -28.86
N ALA C 56 12.69 0.50 -27.57
CA ALA C 56 13.47 -0.25 -26.70
C ALA C 56 13.03 -1.66 -27.06
N ALA C 57 11.81 -1.81 -27.48
CA ALA C 57 11.23 -3.12 -27.82
C ALA C 57 11.81 -3.66 -29.13
N ASP C 58 11.62 -2.99 -30.27
CA ASP C 58 12.38 -3.25 -31.52
C ASP C 58 13.93 -3.79 -31.18
N LYS C 59 14.68 -3.10 -30.24
CA LYS C 59 16.10 -3.41 -29.98
C LYS C 59 16.22 -4.75 -29.08
N LEU C 60 15.22 -5.01 -28.25
CA LEU C 60 15.13 -6.40 -27.68
C LEU C 60 15.18 -7.52 -28.78
N ILE C 61 14.65 -7.25 -29.92
CA ILE C 61 14.45 -8.25 -30.96
C ILE C 61 15.66 -8.38 -31.65
N GLN C 62 16.32 -7.28 -31.94
CA GLN C 62 17.75 -7.26 -32.49
C GLN C 62 18.72 -7.94 -31.67
N ASN C 63 18.55 -7.75 -30.46
CA ASN C 63 19.65 -8.09 -29.68
C ASN C 63 19.48 -9.57 -29.25
N LEU C 64 18.32 -10.13 -29.51
CA LEU C 64 18.06 -11.44 -28.88
C LEU C 64 18.84 -12.47 -29.61
N ASP C 65 19.34 -13.43 -28.82
CA ASP C 65 20.11 -14.66 -29.31
C ASP C 65 19.59 -15.93 -30.35
N ALA C 66 20.44 -16.14 -31.45
CA ALA C 66 20.19 -17.24 -32.51
C ALA C 66 20.34 -18.69 -31.83
N ASN C 67 19.23 -19.42 -31.86
CA ASN C 67 19.33 -20.76 -31.30
C ASN C 67 20.33 -21.77 -31.94
N HIS C 68 20.01 -23.07 -31.72
CA HIS C 68 20.28 -24.17 -32.76
C HIS C 68 19.61 -23.77 -34.20
N ASP C 69 18.63 -22.76 -34.12
CA ASP C 69 17.92 -22.18 -35.33
C ASP C 69 17.96 -20.55 -35.49
N GLY C 70 18.18 -19.69 -34.48
CA GLY C 70 17.81 -18.25 -34.83
C GLY C 70 16.21 -18.15 -34.98
N ARG C 71 15.46 -19.19 -34.47
CA ARG C 71 14.00 -19.06 -34.36
C ARG C 71 13.79 -18.78 -32.84
N ILE C 72 12.68 -18.13 -32.50
CA ILE C 72 12.30 -17.88 -31.02
C ILE C 72 11.37 -18.92 -30.40
N SER C 73 11.78 -19.51 -29.32
CA SER C 73 10.88 -20.37 -28.56
C SER C 73 9.88 -19.68 -27.64
N PHE C 74 8.80 -20.40 -27.15
CA PHE C 74 7.94 -19.75 -26.20
C PHE C 74 8.84 -19.06 -24.98
N ASP C 75 9.84 -19.68 -24.38
CA ASP C 75 10.44 -18.96 -23.21
C ASP C 75 11.12 -17.75 -23.61
N GLU C 76 11.74 -17.68 -24.79
CA GLU C 76 12.39 -16.39 -25.16
C GLU C 76 11.37 -15.44 -25.52
N TYR C 77 10.21 -15.86 -25.93
CA TYR C 77 9.10 -14.77 -26.24
C TYR C 77 8.53 -14.28 -24.95
N TRP C 78 8.36 -15.16 -23.98
CA TRP C 78 7.84 -14.71 -22.76
C TRP C 78 8.86 -13.73 -22.03
N THR C 79 10.15 -14.07 -22.03
CA THR C 79 11.26 -13.20 -21.49
C THR C 79 11.28 -11.86 -22.23
N LEU C 80 10.99 -11.79 -23.50
CA LEU C 80 10.92 -10.60 -24.12
C LEU C 80 9.69 -9.75 -23.88
N ILE C 81 8.48 -10.34 -24.01
CA ILE C 81 7.35 -9.54 -23.49
C ILE C 81 7.68 -8.96 -21.97
N GLY C 82 8.32 -9.76 -21.19
CA GLY C 82 8.70 -9.44 -19.73
C GLY C 82 9.60 -8.20 -19.84
N GLY C 83 10.56 -8.25 -20.72
CA GLY C 83 11.36 -7.13 -21.06
C GLY C 83 10.62 -5.92 -21.58
N ILE C 84 9.46 -6.11 -22.17
CA ILE C 84 8.69 -5.06 -22.53
C ILE C 84 7.88 -4.47 -21.38
N THR C 85 7.18 -5.42 -20.64
CA THR C 85 6.39 -5.00 -19.73
C THR C 85 7.21 -4.43 -18.35
N GLY C 86 8.29 -5.03 -17.93
CA GLY C 86 8.72 -4.68 -16.69
C GLY C 86 9.02 -3.27 -16.39
N PRO C 87 9.65 -2.56 -17.33
CA PRO C 87 9.93 -1.20 -17.16
C PRO C 87 8.70 -0.31 -17.00
N ILE C 88 7.50 -0.64 -17.49
CA ILE C 88 6.32 0.31 -17.47
C ILE C 88 5.32 -0.53 -16.69
N ALA C 89 5.67 -1.58 -16.02
CA ALA C 89 4.63 -2.17 -15.09
C ALA C 89 3.98 -1.21 -14.00
N LYS C 90 4.81 -0.40 -13.37
CA LYS C 90 4.29 0.69 -12.58
C LYS C 90 3.17 1.67 -13.26
N LEU C 91 3.46 2.10 -14.46
CA LEU C 91 2.80 3.08 -15.07
C LEU C 91 1.59 2.22 -15.58
N ILE C 92 1.77 0.97 -15.80
CA ILE C 92 0.57 0.38 -16.38
C ILE C 92 -0.41 0.31 -15.22
N HIS C 93 0.12 0.05 -14.02
CA HIS C 93 -0.80 -0.09 -12.89
C HIS C 93 -1.45 1.29 -12.40
N GLU C 94 -0.66 2.39 -12.31
CA GLU C 94 -1.27 3.71 -12.00
C GLU C 94 -2.39 3.93 -12.91
N GLN C 95 -2.35 3.42 -14.17
CA GLN C 95 -3.29 3.79 -15.25
C GLN C 95 -4.47 3.06 -15.17
N GLU C 96 -4.45 1.83 -14.75
CA GLU C 96 -5.63 1.22 -14.18
C GLU C 96 -6.28 1.81 -12.81
N GLN C 97 -5.51 2.30 -11.88
CA GLN C 97 -6.08 3.04 -10.81
C GLN C 97 -6.89 4.43 -11.27
N GLN C 98 -6.15 5.50 -11.74
CA GLN C 98 -6.64 6.69 -12.51
C GLN C 98 -7.77 6.50 -13.47
N SER C 99 -8.01 5.33 -14.12
CA SER C 99 -9.34 4.92 -14.69
C SER C 99 -10.44 4.24 -13.74
N CYS D 2 -9.65 0.70 -28.41
CA CYS D 2 -8.90 0.52 -27.18
C CYS D 2 -8.71 -1.06 -26.74
N TYR D 3 -7.39 -1.45 -26.81
CA TYR D 3 -6.80 -2.66 -26.20
C TYR D 3 -7.02 -3.96 -26.91
N THR D 4 -5.92 -4.48 -27.51
CA THR D 4 -5.92 -5.86 -28.09
C THR D 4 -5.99 -6.78 -27.01
N GLU D 5 -6.43 -7.95 -27.29
CA GLU D 5 -6.53 -8.92 -26.13
C GLU D 5 -5.26 -9.33 -25.48
N LEU D 6 -4.17 -9.32 -26.24
CA LEU D 6 -2.83 -9.54 -25.66
C LEU D 6 -2.51 -8.35 -24.70
N GLU D 7 -2.77 -7.07 -25.07
CA GLU D 7 -2.63 -5.97 -24.13
C GLU D 7 -3.41 -6.16 -22.90
N LYS D 8 -4.68 -6.52 -23.07
CA LYS D 8 -5.48 -6.80 -21.86
C LYS D 8 -4.86 -7.86 -20.99
N ALA D 9 -4.26 -8.89 -21.65
CA ALA D 9 -3.82 -10.00 -20.77
C ALA D 9 -2.62 -9.52 -20.03
N VAL D 10 -1.82 -8.61 -20.61
CA VAL D 10 -0.58 -8.14 -19.98
C VAL D 10 -0.96 -7.17 -18.78
N ILE D 11 -2.02 -6.39 -18.86
CA ILE D 11 -2.53 -5.71 -17.83
C ILE D 11 -3.13 -6.54 -16.76
N VAL D 12 -3.70 -7.65 -17.16
CA VAL D 12 -4.11 -8.51 -16.04
C VAL D 12 -2.95 -9.01 -15.20
N LEU D 13 -1.77 -9.27 -15.82
CA LEU D 13 -0.76 -9.87 -15.05
C LEU D 13 -0.02 -8.76 -14.13
N VAL D 14 0.12 -7.56 -14.70
CA VAL D 14 0.71 -6.51 -13.97
C VAL D 14 -0.44 -6.26 -12.73
N GLU D 15 -1.75 -6.21 -12.95
CA GLU D 15 -2.75 -6.00 -11.82
C GLU D 15 -2.78 -7.06 -10.99
N ASN D 16 -2.68 -8.25 -11.47
CA ASN D 16 -2.46 -9.34 -10.59
C ASN D 16 -1.20 -9.25 -9.69
N PHE D 17 0.02 -8.85 -10.17
CA PHE D 17 1.17 -8.80 -9.21
C PHE D 17 0.76 -7.74 -8.11
N TYR D 18 0.20 -6.60 -8.48
CA TYR D 18 -0.01 -5.60 -7.49
C TYR D 18 -1.13 -5.91 -6.52
N LYS D 19 -2.08 -6.77 -6.90
CA LYS D 19 -3.13 -7.21 -5.99
C LYS D 19 -2.65 -8.00 -4.95
N TYR D 20 -1.37 -8.46 -4.95
CA TYR D 20 -0.76 -9.21 -3.92
C TYR D 20 0.26 -8.47 -3.09
N VAL D 21 0.48 -7.21 -3.41
CA VAL D 21 1.38 -6.36 -2.53
C VAL D 21 0.46 -5.89 -1.35
N SER D 22 0.93 -5.95 -0.12
CA SER D 22 -0.07 -5.55 1.09
C SER D 22 -0.33 -4.09 1.17
N LYS D 23 -1.63 -3.78 1.25
CA LYS D 23 -2.21 -2.39 1.18
C LYS D 23 -1.36 -1.58 2.27
N TYR D 24 -0.88 -0.45 2.01
CA TYR D 24 0.05 -0.24 3.36
C TYR D 24 1.29 -0.81 3.55
N SER D 25 1.80 -1.61 2.66
CA SER D 25 3.25 -1.97 2.80
C SER D 25 3.99 -0.77 2.42
N LEU D 26 5.10 -0.42 3.10
CA LEU D 26 6.05 0.73 2.56
C LEU D 26 6.88 0.21 1.35
N VAL D 27 7.03 -1.06 1.10
CA VAL D 27 7.79 -1.38 -0.34
C VAL D 27 6.62 -1.75 -1.25
N LYS D 28 6.26 -0.80 -2.16
CA LYS D 28 4.99 -0.90 -2.89
C LYS D 28 5.16 -1.74 -4.16
N ASN D 29 6.34 -2.07 -4.52
CA ASN D 29 6.64 -2.69 -5.90
C ASN D 29 7.10 -4.09 -5.74
N LYS D 30 6.91 -4.76 -4.52
CA LYS D 30 7.32 -6.16 -4.27
C LYS D 30 6.21 -6.91 -3.55
N ILE D 31 6.12 -8.21 -3.91
CA ILE D 31 5.24 -9.05 -3.10
C ILE D 31 6.11 -9.96 -2.14
N SER D 32 5.54 -10.42 -1.04
CA SER D 32 6.38 -11.33 -0.32
C SER D 32 6.30 -12.71 -0.90
N LYS D 33 7.24 -13.54 -0.54
CA LYS D 33 7.05 -15.11 -0.84
C LYS D 33 5.71 -15.76 -0.52
N SER D 34 5.25 -15.43 0.71
CA SER D 34 4.03 -15.98 1.14
C SER D 34 2.89 -15.40 0.37
N SER D 35 2.95 -14.11 0.03
CA SER D 35 1.87 -13.61 -0.95
C SER D 35 1.94 -14.32 -2.31
N PHE D 36 3.18 -14.58 -2.74
CA PHE D 36 3.39 -15.38 -4.01
C PHE D 36 2.77 -16.75 -3.90
N ARG D 37 3.05 -17.42 -2.83
CA ARG D 37 2.38 -18.74 -2.45
C ARG D 37 0.89 -18.64 -2.49
N GLU D 38 0.31 -17.68 -1.67
CA GLU D 38 -1.08 -17.40 -1.73
C GLU D 38 -1.61 -17.24 -3.19
N MET D 39 -0.83 -16.47 -3.92
CA MET D 39 -1.37 -16.14 -5.29
C MET D 39 -1.47 -17.41 -6.13
N LEU D 40 -0.44 -18.22 -5.98
CA LEU D 40 -0.39 -19.44 -6.76
C LEU D 40 -1.64 -20.34 -6.42
N GLN D 41 -1.84 -20.63 -5.10
CA GLN D 41 -3.18 -20.96 -4.61
C GLN D 41 -4.46 -20.42 -5.12
N LYS D 42 -4.79 -19.10 -5.04
CA LYS D 42 -6.12 -18.73 -5.57
C LYS D 42 -6.27 -18.39 -7.05
N GLU D 43 -5.19 -18.39 -7.81
CA GLU D 43 -5.21 -17.56 -9.05
C GLU D 43 -4.84 -18.51 -10.18
N LEU D 44 -4.16 -19.59 -9.81
CA LEU D 44 -3.64 -20.51 -10.79
C LEU D 44 -3.88 -22.01 -10.29
N ASN D 45 -5.05 -22.28 -9.72
CA ASN D 45 -5.27 -23.64 -9.11
C ASN D 45 -5.57 -24.78 -10.14
N HIS D 46 -6.62 -24.50 -10.97
CA HIS D 46 -7.12 -25.35 -12.04
C HIS D 46 -5.93 -25.73 -12.95
N MET D 47 -5.38 -24.64 -13.55
CA MET D 47 -4.15 -24.69 -14.30
C MET D 47 -3.13 -25.45 -13.51
N LEU D 48 -3.33 -25.61 -12.26
CA LEU D 48 -2.48 -26.59 -11.63
C LEU D 48 -3.15 -28.13 -11.27
N GLY D 70 15.05 -11.42 -0.41
CA GLY D 70 13.85 -11.29 0.54
C GLY D 70 12.54 -11.10 -0.29
N ARG D 71 12.10 -9.81 -0.69
CA ARG D 71 10.80 -9.80 -1.63
C ARG D 71 10.95 -10.10 -3.10
N ILE D 72 9.80 -10.31 -3.79
CA ILE D 72 9.78 -10.55 -5.18
C ILE D 72 9.42 -9.26 -5.83
N SER D 73 10.31 -8.75 -6.78
CA SER D 73 9.97 -7.68 -7.72
C SER D 73 9.05 -8.17 -8.96
N PHE D 74 8.55 -7.19 -9.66
CA PHE D 74 7.93 -7.46 -10.88
C PHE D 74 8.68 -8.32 -12.00
N ASP D 75 9.96 -8.10 -12.17
CA ASP D 75 10.67 -8.92 -13.08
C ASP D 75 10.62 -10.29 -12.57
N GLU D 76 10.80 -10.44 -11.26
CA GLU D 76 11.15 -11.65 -10.73
C GLU D 76 9.85 -12.49 -10.77
N TYR D 77 8.78 -11.90 -10.52
CA TYR D 77 7.45 -12.48 -10.65
C TYR D 77 7.19 -12.92 -12.12
N TRP D 78 7.53 -12.11 -13.05
CA TRP D 78 7.47 -12.40 -14.46
C TRP D 78 8.16 -13.65 -14.80
N THR D 79 9.42 -13.70 -14.38
CA THR D 79 10.29 -14.90 -14.74
C THR D 79 9.67 -16.20 -14.10
N LEU D 80 9.01 -16.05 -12.90
CA LEU D 80 8.55 -17.28 -12.19
C LEU D 80 7.21 -17.65 -12.79
N ILE D 81 6.40 -16.75 -13.08
CA ILE D 81 5.22 -17.09 -13.96
C ILE D 81 5.64 -17.77 -15.23
N GLY D 82 6.78 -17.38 -15.86
CA GLY D 82 7.17 -17.95 -17.13
C GLY D 82 7.66 -19.39 -16.76
N GLY D 83 8.30 -19.58 -15.56
CA GLY D 83 8.83 -20.91 -15.11
C GLY D 83 7.61 -21.80 -15.05
N ILE D 84 6.40 -21.29 -14.94
CA ILE D 84 5.35 -22.16 -14.61
C ILE D 84 4.71 -22.50 -15.90
N THR D 85 4.51 -21.50 -16.79
CA THR D 85 3.78 -21.73 -17.93
C THR D 85 4.66 -22.26 -19.04
N GLY D 86 6.00 -22.17 -19.06
CA GLY D 86 6.75 -22.44 -20.24
C GLY D 86 6.60 -24.02 -20.45
N PRO D 87 6.92 -24.82 -19.37
CA PRO D 87 6.75 -26.30 -19.57
C PRO D 87 5.27 -26.71 -19.75
N ILE D 88 4.28 -25.80 -19.96
CA ILE D 88 2.95 -26.37 -20.06
C ILE D 88 2.43 -25.74 -21.11
N ALA D 89 3.25 -24.93 -21.75
CA ALA D 89 2.55 -24.16 -22.88
C ALA D 89 2.08 -24.97 -24.08
N LYS D 90 2.75 -26.10 -24.37
CA LYS D 90 2.21 -26.96 -25.55
C LYS D 90 0.85 -27.56 -25.12
N LEU D 91 0.79 -28.09 -23.91
CA LEU D 91 -0.47 -28.63 -23.43
C LEU D 91 -1.53 -27.69 -23.42
N ILE D 92 -1.31 -26.42 -22.89
CA ILE D 92 -2.30 -25.34 -22.89
C ILE D 92 -2.83 -25.16 -24.30
N HIS D 93 -1.90 -25.04 -25.31
CA HIS D 93 -2.28 -24.81 -26.74
C HIS D 93 -3.08 -26.01 -27.26
N GLU D 94 -2.62 -27.19 -26.84
CA GLU D 94 -3.03 -28.52 -27.33
C GLU D 94 -4.28 -28.66 -26.51
N GLN D 95 -4.84 -27.57 -25.95
CA GLN D 95 -6.20 -27.61 -25.26
C GLN D 95 -7.21 -26.73 -25.86
N GLU D 96 -6.90 -25.47 -26.29
CA GLU D 96 -7.85 -24.55 -27.00
C GLU D 96 -8.37 -24.99 -28.38
#